data_5GWY
#
_entry.id   5GWY
#
_cell.length_a   87.255
_cell.length_b   87.255
_cell.length_c   212.061
_cell.angle_alpha   90.00
_cell.angle_beta   90.00
_cell.angle_gamma   90.00
#
_symmetry.space_group_name_H-M   'P 41 21 2'
#
loop_
_entity.id
_entity.type
_entity.pdbx_description
1 polymer 'main protease'
2 polymer N-[(5-METHYLISOXAZOL-3-YL)CARBONYL]ALANYL-L-VALYL-N~1~-((1R,2Z)-4-(BENZYLOXY)-4-OXO-1-{[(3R)-2-OXOPYRROLIDIN-3-YL]METHYL}BUT-2-ENYL)-L-LEUCINAMIDE
3 water water
#
loop_
_entity_poly.entity_id
_entity_poly.type
_entity_poly.pdbx_seq_one_letter_code
_entity_poly.pdbx_strand_id
1 'polypeptide(L)'
;GPLGSSGLKKMAQPSGCVERCVVRVCYGSTVLNGVWLGDTVTCPRHVIAPSTTVLIDYDHAYSTMRLHNFSVSHNGVFLG
VVGVTMHGSVLRIKVSQSNVHTPKHVFKTLKPGDSFNILACYEGIASGVFGVNLRTNFTIKGSFINGACGSPGYNVRNDG
TVEFCYLHQIELGSGAHVGSDFTGSVYGNFDDQPSLQVESANLMLSDNVVAFLYAALLNGCRWWLCSTRVNVDGFNEWAM
ANGYTSVSSVECYSILAAKTGVSVEQLLASIQHLHEGFGGKNILGYSSLCDEFTLAEVVKQMYGVNLQ
;
A,B
2 'polypeptide(L)' (02J)AVL(PJE)(010) D,E
#
# COMPACT_ATOMS: atom_id res chain seq x y z
N LEU A 8 -2.62 8.14 10.00
CA LEU A 8 -1.86 6.91 9.76
C LEU A 8 -2.30 6.20 8.50
N LYS A 9 -1.36 5.98 7.58
CA LYS A 9 -1.66 5.34 6.32
C LYS A 9 -0.65 4.22 6.15
N LYS A 10 -1.13 3.02 5.85
CA LYS A 10 -0.23 1.93 5.58
C LYS A 10 0.30 2.11 4.15
N MET A 11 1.59 2.28 4.02
CA MET A 11 2.17 2.48 2.70
C MET A 11 3.38 1.60 2.50
N ALA A 12 3.78 1.44 1.24
CA ALA A 12 4.97 0.68 0.93
C ALA A 12 6.10 1.58 0.48
N GLN A 13 7.32 1.10 0.69
CA GLN A 13 8.48 1.77 0.14
C GLN A 13 8.47 1.58 -1.36
N PRO A 14 9.06 2.52 -2.12
CA PRO A 14 9.08 2.40 -3.58
C PRO A 14 9.58 1.04 -4.05
N SER A 15 8.96 0.50 -5.09
CA SER A 15 9.25 -0.86 -5.54
C SER A 15 10.19 -0.93 -6.74
N GLY A 16 10.55 0.23 -7.28
CA GLY A 16 11.33 0.32 -8.50
C GLY A 16 12.54 -0.59 -8.58
N CYS A 17 13.42 -0.48 -7.60
CA CYS A 17 14.67 -1.22 -7.63
C CYS A 17 14.43 -2.72 -7.54
N VAL A 18 13.31 -3.10 -6.95
CA VAL A 18 12.98 -4.52 -6.82
C VAL A 18 12.34 -5.06 -8.09
N GLU A 19 11.57 -4.22 -8.76
CA GLU A 19 10.90 -4.61 -9.99
C GLU A 19 11.89 -5.13 -11.02
N ARG A 20 13.03 -4.47 -11.11
CA ARG A 20 14.06 -4.81 -12.07
C ARG A 20 14.80 -6.10 -11.75
N CYS A 21 14.44 -6.74 -10.64
CA CYS A 21 15.04 -8.01 -10.28
C CYS A 21 14.03 -9.15 -10.47
N VAL A 22 12.76 -8.79 -10.63
CA VAL A 22 11.72 -9.78 -10.80
C VAL A 22 11.79 -10.39 -12.19
N VAL A 23 11.76 -11.71 -12.26
CA VAL A 23 11.79 -12.40 -13.55
C VAL A 23 10.68 -13.43 -13.67
N ARG A 24 10.32 -13.76 -14.90
CA ARG A 24 9.36 -14.82 -15.14
C ARG A 24 10.09 -16.16 -15.21
N VAL A 25 9.79 -17.06 -14.27
CA VAL A 25 10.43 -18.37 -14.27
C VAL A 25 9.43 -19.44 -14.65
N CYS A 26 9.71 -20.13 -15.76
CA CYS A 26 8.81 -21.17 -16.24
C CYS A 26 9.52 -22.51 -16.33
N TYR A 27 8.91 -23.56 -15.78
CA TYR A 27 9.39 -24.92 -15.98
C TYR A 27 8.26 -25.76 -16.57
N GLY A 28 8.50 -26.31 -17.75
CA GLY A 28 7.45 -27.01 -18.48
C GLY A 28 6.40 -26.00 -18.85
N SER A 29 5.27 -26.04 -18.15
CA SER A 29 4.21 -25.08 -18.34
C SER A 29 3.92 -24.34 -17.05
N THR A 30 4.69 -24.65 -16.01
CA THR A 30 4.46 -24.06 -14.71
C THR A 30 5.17 -22.72 -14.65
N VAL A 31 4.44 -21.67 -14.29
CA VAL A 31 5.00 -20.33 -14.29
C VAL A 31 4.84 -19.61 -12.97
N LEU A 32 5.95 -19.16 -12.40
CA LEU A 32 5.89 -18.27 -11.24
C LEU A 32 7.00 -17.24 -11.29
N ASN A 33 7.25 -16.58 -10.17
CA ASN A 33 8.17 -15.46 -10.14
C ASN A 33 9.52 -15.81 -9.53
N GLY A 34 10.56 -15.12 -10.01
CA GLY A 34 11.88 -15.26 -9.47
C GLY A 34 12.51 -13.90 -9.20
N VAL A 35 13.56 -13.88 -8.40
CA VAL A 35 14.31 -12.67 -8.16
C VAL A 35 15.71 -12.80 -8.75
N TRP A 36 16.09 -11.83 -9.57
CA TRP A 36 17.32 -11.89 -10.36
C TRP A 36 18.40 -10.98 -9.79
N LEU A 37 19.37 -11.58 -9.10
CA LEU A 37 20.46 -10.83 -8.50
C LEU A 37 21.79 -11.37 -8.98
N GLY A 38 22.63 -10.50 -9.52
CA GLY A 38 23.89 -10.95 -10.10
C GLY A 38 23.59 -11.87 -11.25
N ASP A 39 24.12 -13.08 -11.20
CA ASP A 39 23.87 -14.09 -12.22
C ASP A 39 22.98 -15.21 -11.67
N THR A 40 22.28 -14.91 -10.59
CA THR A 40 21.50 -15.93 -9.90
C THR A 40 20.04 -15.57 -9.79
N VAL A 41 19.18 -16.51 -10.18
CA VAL A 41 17.74 -16.34 -10.02
C VAL A 41 17.22 -17.26 -8.91
N THR A 42 16.61 -16.68 -7.89
CA THR A 42 16.03 -17.46 -6.81
C THR A 42 14.53 -17.55 -6.95
N CYS A 43 13.98 -18.76 -6.89
CA CYS A 43 12.54 -18.95 -7.00
C CYS A 43 12.12 -20.15 -6.16
N PRO A 44 10.82 -20.20 -5.78
CA PRO A 44 10.28 -21.35 -5.05
C PRO A 44 10.50 -22.65 -5.79
N ARG A 45 10.90 -23.70 -5.08
CA ARG A 45 11.28 -24.93 -5.72
C ARG A 45 10.08 -25.70 -6.27
N HIS A 46 8.88 -25.35 -5.81
CA HIS A 46 7.72 -26.12 -6.23
C HIS A 46 7.34 -25.84 -7.67
N VAL A 47 8.18 -25.06 -8.35
CA VAL A 47 7.97 -24.78 -9.76
C VAL A 47 8.19 -26.05 -10.58
N ILE A 48 8.94 -27.00 -10.03
CA ILE A 48 9.22 -28.26 -10.72
C ILE A 48 8.28 -29.39 -10.27
N ALA A 49 7.35 -29.08 -9.37
CA ALA A 49 6.42 -30.08 -8.89
C ALA A 49 5.41 -30.49 -9.95
N PRO A 50 5.31 -31.80 -10.23
CA PRO A 50 4.40 -32.34 -11.23
C PRO A 50 2.91 -32.15 -10.92
N SER A 51 2.54 -32.16 -9.65
CA SER A 51 1.15 -32.07 -9.26
C SER A 51 0.88 -31.01 -8.22
N THR A 52 -0.39 -30.62 -8.10
CA THR A 52 -0.78 -29.59 -7.14
C THR A 52 -1.58 -30.10 -5.93
N THR A 53 -2.29 -31.21 -6.10
CA THR A 53 -3.17 -31.68 -5.04
C THR A 53 -2.60 -32.88 -4.28
N VAL A 54 -1.28 -32.98 -4.26
CA VAL A 54 -0.64 -34.17 -3.72
C VAL A 54 0.73 -33.87 -3.12
N LEU A 55 1.09 -34.62 -2.08
CA LEU A 55 2.40 -34.53 -1.44
C LEU A 55 3.53 -34.67 -2.48
N ILE A 56 4.45 -33.72 -2.47
CA ILE A 56 5.49 -33.65 -3.49
C ILE A 56 6.81 -34.29 -3.05
N ASP A 57 7.30 -35.21 -3.87
CA ASP A 57 8.62 -35.80 -3.67
C ASP A 57 9.66 -34.91 -4.34
N TYR A 58 10.17 -33.94 -3.61
CA TYR A 58 11.07 -32.95 -4.20
C TYR A 58 12.39 -33.57 -4.64
N ASP A 59 12.87 -34.55 -3.89
CA ASP A 59 14.09 -35.24 -4.29
C ASP A 59 13.90 -35.90 -5.65
N HIS A 60 12.78 -36.61 -5.82
CA HIS A 60 12.48 -37.25 -7.11
C HIS A 60 12.24 -36.22 -8.19
N ALA A 61 11.60 -35.12 -7.82
CA ALA A 61 11.33 -34.07 -8.78
C ALA A 61 12.63 -33.46 -9.26
N TYR A 62 13.59 -33.33 -8.36
CA TYR A 62 14.86 -32.68 -8.67
C TYR A 62 15.81 -33.57 -9.47
N SER A 63 15.82 -34.87 -9.23
CA SER A 63 16.75 -35.73 -9.96
C SER A 63 16.22 -35.95 -11.36
N THR A 64 14.91 -35.83 -11.53
CA THR A 64 14.30 -36.02 -12.84
C THR A 64 14.11 -34.66 -13.49
N MET A 65 14.67 -33.63 -12.87
CA MET A 65 14.62 -32.28 -13.42
C MET A 65 15.52 -32.15 -14.63
N ARG A 66 15.06 -31.43 -15.65
CA ARG A 66 15.88 -31.13 -16.81
C ARG A 66 15.90 -29.66 -17.17
N LEU A 67 17.11 -29.15 -17.40
CA LEU A 67 17.33 -27.72 -17.50
C LEU A 67 16.69 -27.07 -18.72
N HIS A 68 16.62 -27.80 -19.83
CA HIS A 68 16.12 -27.19 -21.05
C HIS A 68 14.62 -26.91 -20.95
N ASN A 69 14.00 -27.36 -19.85
CA ASN A 69 12.59 -27.07 -19.63
C ASN A 69 12.37 -25.73 -18.90
N PHE A 70 13.45 -25.07 -18.52
CA PHE A 70 13.35 -23.78 -17.86
C PHE A 70 13.30 -22.65 -18.89
N SER A 71 12.55 -21.59 -18.58
CA SER A 71 12.44 -20.41 -19.40
C SER A 71 12.40 -19.20 -18.49
N VAL A 72 13.51 -18.46 -18.44
CA VAL A 72 13.62 -17.30 -17.58
C VAL A 72 13.61 -16.00 -18.38
N SER A 73 12.73 -15.07 -18.01
CA SER A 73 12.58 -13.83 -18.76
C SER A 73 12.52 -12.59 -17.89
N HIS A 74 13.01 -11.48 -18.43
CA HIS A 74 12.80 -10.19 -17.80
C HIS A 74 12.19 -9.28 -18.85
N ASN A 75 10.97 -8.84 -18.57
CA ASN A 75 10.19 -8.04 -19.51
C ASN A 75 10.19 -8.65 -20.91
N GLY A 76 10.07 -9.98 -20.98
CA GLY A 76 10.00 -10.64 -22.27
C GLY A 76 11.35 -10.96 -22.91
N VAL A 77 12.42 -10.53 -22.27
CA VAL A 77 13.77 -10.83 -22.75
C VAL A 77 14.31 -12.10 -22.07
N PHE A 78 14.64 -13.11 -22.87
CA PHE A 78 15.01 -14.41 -22.29
C PHE A 78 16.47 -14.50 -21.90
N LEU A 79 16.71 -15.03 -20.70
CA LEU A 79 18.05 -15.28 -20.19
C LEU A 79 18.43 -16.74 -20.41
N GLY A 80 19.72 -17.05 -20.35
CA GLY A 80 20.18 -18.41 -20.58
C GLY A 80 20.51 -19.21 -19.33
N VAL A 81 19.74 -20.27 -19.07
CA VAL A 81 19.95 -21.11 -17.91
C VAL A 81 21.23 -21.92 -18.04
N VAL A 82 22.05 -21.86 -17.01
CA VAL A 82 23.36 -22.48 -17.00
C VAL A 82 23.47 -23.56 -15.93
N GLY A 83 22.81 -23.32 -14.81
CA GLY A 83 22.85 -24.27 -13.70
C GLY A 83 21.68 -24.08 -12.75
N VAL A 84 21.31 -25.18 -12.09
CA VAL A 84 20.23 -25.16 -11.11
C VAL A 84 20.68 -25.87 -9.84
N THR A 85 20.45 -25.24 -8.69
CA THR A 85 20.80 -25.89 -7.42
C THR A 85 19.63 -25.74 -6.45
N MET A 86 19.37 -26.79 -5.68
CA MET A 86 18.26 -26.73 -4.74
C MET A 86 18.80 -26.49 -3.35
N HIS A 87 18.24 -25.50 -2.67
CA HIS A 87 18.65 -25.21 -1.31
C HIS A 87 17.42 -24.85 -0.49
N GLY A 88 17.00 -25.76 0.39
CA GLY A 88 15.81 -25.56 1.18
C GLY A 88 14.58 -25.59 0.31
N SER A 89 13.75 -24.54 0.41
CA SER A 89 12.51 -24.52 -0.34
C SER A 89 12.60 -23.69 -1.59
N VAL A 90 13.81 -23.36 -2.01
CA VAL A 90 13.97 -22.55 -3.21
C VAL A 90 14.95 -23.21 -4.17
N LEU A 91 14.91 -22.76 -5.42
CA LEU A 91 15.92 -23.13 -6.41
C LEU A 91 16.79 -21.93 -6.71
N ARG A 92 18.08 -22.15 -6.90
CA ARG A 92 18.94 -21.08 -7.36
C ARG A 92 19.37 -21.39 -8.79
N ILE A 93 18.80 -20.62 -9.71
CA ILE A 93 19.01 -20.82 -11.12
C ILE A 93 20.13 -19.92 -11.61
N LYS A 94 21.23 -20.52 -12.02
CA LYS A 94 22.37 -19.77 -12.53
C LYS A 94 22.09 -19.37 -13.98
N VAL A 95 22.24 -18.09 -14.30
CA VAL A 95 22.02 -17.65 -15.68
C VAL A 95 23.28 -17.00 -16.27
N SER A 96 23.36 -16.96 -17.59
CA SER A 96 24.52 -16.39 -18.29
C SER A 96 24.66 -14.90 -18.06
N GLN A 97 23.58 -14.17 -18.33
CA GLN A 97 23.54 -12.73 -18.20
C GLN A 97 23.50 -12.30 -16.75
N SER A 98 24.23 -11.24 -16.40
CA SER A 98 24.16 -10.69 -15.06
C SER A 98 23.26 -9.48 -15.03
N ASN A 99 22.42 -9.40 -14.01
CA ASN A 99 21.51 -8.30 -13.84
C ASN A 99 22.23 -6.99 -13.59
N VAL A 100 22.31 -6.15 -14.62
CA VAL A 100 23.01 -4.87 -14.50
C VAL A 100 22.27 -3.93 -13.55
N HIS A 101 21.05 -4.27 -13.18
CA HIS A 101 20.30 -3.47 -12.23
C HIS A 101 20.24 -4.13 -10.87
N THR A 102 21.30 -4.85 -10.50
CA THR A 102 21.37 -5.42 -9.17
C THR A 102 21.66 -4.32 -8.15
N PRO A 103 20.70 -4.06 -7.26
CA PRO A 103 20.85 -3.00 -6.26
C PRO A 103 21.78 -3.45 -5.13
N LYS A 104 22.40 -2.49 -4.46
CA LYS A 104 23.15 -2.78 -3.25
C LYS A 104 22.20 -3.50 -2.28
N HIS A 105 22.48 -4.77 -2.02
CA HIS A 105 21.54 -5.59 -1.28
C HIS A 105 22.19 -6.54 -0.27
N VAL A 106 21.39 -7.00 0.67
CA VAL A 106 21.77 -8.09 1.56
C VAL A 106 20.57 -9.01 1.71
N PHE A 107 20.76 -10.14 2.38
CA PHE A 107 19.66 -11.04 2.69
C PHE A 107 19.40 -11.03 4.19
N LYS A 108 18.16 -10.77 4.58
CA LYS A 108 17.81 -10.71 5.99
C LYS A 108 16.65 -11.64 6.30
N THR A 109 16.66 -12.25 7.47
CA THR A 109 15.51 -13.04 7.91
C THR A 109 14.73 -12.25 8.95
N LEU A 110 13.45 -12.03 8.65
CA LEU A 110 12.60 -11.17 9.47
C LEU A 110 12.28 -11.80 10.81
N LYS A 111 11.99 -10.96 11.80
CA LYS A 111 11.50 -11.42 13.08
C LYS A 111 10.06 -10.97 13.25
N PRO A 112 9.26 -11.71 14.03
CA PRO A 112 7.90 -11.27 14.31
C PRO A 112 7.86 -9.83 14.84
N GLY A 113 7.02 -8.99 14.23
CA GLY A 113 6.91 -7.60 14.61
C GLY A 113 7.57 -6.68 13.58
N ASP A 114 8.42 -7.25 12.75
CA ASP A 114 9.09 -6.49 11.72
C ASP A 114 8.12 -6.16 10.59
N SER A 115 8.17 -4.93 10.11
CA SER A 115 7.39 -4.54 8.96
C SER A 115 8.24 -4.72 7.72
N PHE A 116 7.63 -5.14 6.61
CA PHE A 116 8.36 -5.17 5.35
C PHE A 116 7.40 -4.91 4.20
N ASN A 117 7.89 -5.00 2.97
CA ASN A 117 7.05 -4.68 1.83
C ASN A 117 6.92 -5.86 0.89
N ILE A 118 5.71 -6.10 0.41
CA ILE A 118 5.47 -7.17 -0.53
C ILE A 118 5.28 -6.61 -1.93
N LEU A 119 6.06 -7.11 -2.89
CA LEU A 119 5.82 -6.80 -4.29
C LEU A 119 5.07 -7.96 -4.96
N ALA A 120 3.75 -7.85 -5.04
CA ALA A 120 2.94 -8.93 -5.60
C ALA A 120 3.14 -9.05 -7.11
N CYS A 121 3.64 -10.20 -7.55
CA CYS A 121 3.97 -10.40 -8.94
C CYS A 121 3.26 -11.60 -9.57
N TYR A 122 2.95 -11.49 -10.85
CA TYR A 122 2.39 -12.59 -11.61
C TYR A 122 3.04 -12.61 -12.98
N GLU A 123 3.45 -13.80 -13.42
CA GLU A 123 4.08 -13.98 -14.72
C GLU A 123 5.35 -13.15 -14.84
N GLY A 124 6.00 -12.87 -13.72
CA GLY A 124 7.23 -12.11 -13.74
C GLY A 124 7.03 -10.62 -13.89
N ILE A 125 5.77 -10.18 -13.84
CA ILE A 125 5.47 -8.75 -13.90
C ILE A 125 4.74 -8.32 -12.63
N ALA A 126 5.29 -7.31 -11.95
CA ALA A 126 4.70 -6.78 -10.73
C ALA A 126 3.33 -6.17 -10.99
N SER A 127 2.35 -6.50 -10.16
CA SER A 127 1.00 -5.96 -10.34
C SER A 127 0.54 -5.14 -9.14
N GLY A 128 1.22 -5.27 -8.00
CA GLY A 128 0.86 -4.50 -6.81
C GLY A 128 1.93 -4.49 -5.72
N VAL A 129 1.94 -3.43 -4.92
CA VAL A 129 2.93 -3.30 -3.84
C VAL A 129 2.26 -2.74 -2.58
N PHE A 130 2.59 -3.31 -1.43
CA PHE A 130 1.96 -2.90 -0.19
C PHE A 130 2.78 -3.26 1.04
N GLY A 131 2.52 -2.56 2.14
CA GLY A 131 3.22 -2.81 3.39
C GLY A 131 2.53 -3.88 4.23
N VAL A 132 3.32 -4.68 4.92
CA VAL A 132 2.79 -5.78 5.72
C VAL A 132 3.65 -6.03 6.96
N ASN A 133 3.09 -6.73 7.96
CA ASN A 133 3.85 -7.11 9.16
C ASN A 133 3.97 -8.62 9.27
N LEU A 134 5.14 -9.10 9.66
CA LEU A 134 5.31 -10.49 10.03
C LEU A 134 4.72 -10.72 11.42
N ARG A 135 3.70 -11.58 11.50
CA ARG A 135 2.98 -11.82 12.74
C ARG A 135 3.75 -12.71 13.70
N THR A 136 3.22 -12.89 14.91
CA THR A 136 3.89 -13.72 15.91
C THR A 136 3.89 -15.19 15.55
N ASN A 137 2.99 -15.59 14.66
CA ASN A 137 2.95 -16.98 14.22
C ASN A 137 3.65 -17.18 12.88
N PHE A 138 4.47 -16.20 12.51
CA PHE A 138 5.33 -16.24 11.34
C PHE A 138 4.57 -16.28 10.00
N THR A 139 3.33 -15.81 10.03
CA THR A 139 2.54 -15.66 8.82
C THR A 139 2.33 -14.19 8.54
N ILE A 140 1.80 -13.86 7.36
CA ILE A 140 1.41 -12.50 7.06
C ILE A 140 0.01 -12.54 6.47
N LYS A 141 -0.70 -11.41 6.52
CA LYS A 141 -2.01 -11.29 5.88
C LYS A 141 -1.94 -10.44 4.62
N GLY A 142 -1.61 -11.06 3.50
CA GLY A 142 -1.55 -10.39 2.22
C GLY A 142 -2.71 -10.76 1.32
N SER A 143 -2.50 -10.63 0.02
CA SER A 143 -3.50 -11.03 -0.96
C SER A 143 -2.79 -11.66 -2.16
N PHE A 144 -2.96 -12.96 -2.33
CA PHE A 144 -2.29 -13.66 -3.41
C PHE A 144 -3.24 -14.65 -4.04
N ILE A 145 -3.13 -14.83 -5.34
CA ILE A 145 -3.84 -15.90 -6.05
C ILE A 145 -2.88 -16.69 -6.93
N ASN A 146 -3.44 -17.43 -7.87
CA ASN A 146 -2.68 -18.31 -8.73
C ASN A 146 -1.47 -17.61 -9.36
N GLY A 147 -0.27 -18.15 -9.15
CA GLY A 147 0.91 -17.61 -9.80
C GLY A 147 1.64 -16.54 -9.02
N ALA A 148 1.31 -16.36 -7.74
CA ALA A 148 1.90 -15.28 -6.97
C ALA A 148 3.24 -15.66 -6.36
N CYS A 149 3.49 -16.96 -6.24
CA CYS A 149 4.69 -17.45 -5.55
C CYS A 149 5.97 -16.93 -6.19
N GLY A 150 6.95 -16.62 -5.36
CA GLY A 150 8.18 -16.02 -5.85
C GLY A 150 8.15 -14.52 -5.66
N SER A 151 6.98 -13.98 -5.35
CA SER A 151 6.85 -12.56 -5.08
C SER A 151 7.81 -12.18 -3.97
N PRO A 152 8.63 -11.15 -4.22
CA PRO A 152 9.65 -10.74 -3.26
C PRO A 152 9.08 -9.89 -2.13
N GLY A 153 9.61 -10.09 -0.92
CA GLY A 153 9.37 -9.20 0.20
C GLY A 153 10.68 -8.48 0.47
N TYR A 154 10.62 -7.20 0.87
CA TYR A 154 11.84 -6.41 1.03
C TYR A 154 11.69 -5.24 2.00
N ASN A 155 12.83 -4.74 2.44
CA ASN A 155 12.92 -3.48 3.16
C ASN A 155 14.09 -2.69 2.62
N VAL A 156 13.95 -1.36 2.51
CA VAL A 156 15.05 -0.54 2.01
C VAL A 156 15.66 0.28 3.13
N ARG A 157 16.92 0.03 3.47
CA ARG A 157 17.54 0.74 4.57
C ARG A 157 17.78 2.20 4.22
N ASN A 158 18.14 2.98 5.23
CA ASN A 158 18.35 4.40 5.03
C ASN A 158 19.48 4.70 4.06
N ASP A 159 20.54 3.89 4.07
CA ASP A 159 21.67 4.11 3.18
C ASP A 159 21.36 3.61 1.77
N GLY A 160 20.17 3.05 1.58
CA GLY A 160 19.76 2.60 0.26
C GLY A 160 19.95 1.11 0.02
N THR A 161 20.45 0.39 1.02
CA THR A 161 20.64 -1.05 0.89
C THR A 161 19.30 -1.75 0.87
N VAL A 162 19.09 -2.61 -0.13
CA VAL A 162 17.87 -3.39 -0.20
C VAL A 162 17.99 -4.71 0.55
N GLU A 163 17.12 -4.91 1.53
CA GLU A 163 17.08 -6.19 2.23
C GLU A 163 16.03 -7.12 1.64
N PHE A 164 16.48 -8.19 0.98
CA PHE A 164 15.55 -9.21 0.49
C PHE A 164 15.26 -10.22 1.58
N CYS A 165 13.99 -10.43 1.89
CA CYS A 165 13.67 -11.24 3.07
C CYS A 165 12.44 -12.16 2.96
N TYR A 166 11.82 -12.22 1.79
CA TYR A 166 10.58 -12.98 1.65
C TYR A 166 10.35 -13.42 0.21
N LEU A 167 9.98 -14.69 0.05
CA LEU A 167 9.54 -15.18 -1.23
C LEU A 167 8.27 -15.95 -0.98
N HIS A 168 7.16 -15.47 -1.52
CA HIS A 168 5.88 -16.07 -1.23
C HIS A 168 5.83 -17.50 -1.70
N GLN A 169 5.23 -18.37 -0.88
CA GLN A 169 5.21 -19.78 -1.21
C GLN A 169 3.86 -20.42 -1.02
N ILE A 170 3.21 -20.14 0.11
CA ILE A 170 2.05 -20.94 0.48
C ILE A 170 0.95 -20.14 1.17
N GLU A 171 -0.31 -20.57 1.00
CA GLU A 171 -1.41 -20.08 1.82
C GLU A 171 -2.00 -21.20 2.68
N LEU A 172 -1.96 -21.02 3.99
CA LEU A 172 -2.47 -22.03 4.91
C LEU A 172 -4.00 -22.10 4.85
N GLY A 173 -4.56 -23.16 5.42
CA GLY A 173 -6.00 -23.36 5.42
C GLY A 173 -6.78 -22.26 6.12
N SER A 174 -6.10 -21.58 7.05
CA SER A 174 -6.70 -20.50 7.82
C SER A 174 -6.81 -19.23 7.00
N GLY A 175 -6.15 -19.21 5.85
CA GLY A 175 -6.10 -18.04 4.99
C GLY A 175 -4.80 -17.28 5.13
N ALA A 176 -4.03 -17.62 6.16
CA ALA A 176 -2.76 -16.95 6.43
C ALA A 176 -1.72 -17.23 5.35
N HIS A 177 -0.87 -16.26 5.06
CA HIS A 177 0.12 -16.42 4.01
C HIS A 177 1.52 -16.62 4.57
N VAL A 178 2.29 -17.48 3.91
CA VAL A 178 3.64 -17.81 4.36
C VAL A 178 4.63 -17.79 3.20
N GLY A 179 5.84 -17.33 3.48
CA GLY A 179 6.91 -17.38 2.51
C GLY A 179 8.17 -17.94 3.12
N SER A 180 9.25 -17.95 2.34
CA SER A 180 10.56 -18.36 2.84
C SER A 180 11.52 -17.19 2.70
N ASP A 181 12.66 -17.26 3.37
CA ASP A 181 13.69 -16.26 3.13
C ASP A 181 14.47 -16.69 1.89
N PHE A 182 15.50 -15.93 1.53
CA PHE A 182 16.25 -16.25 0.33
C PHE A 182 17.28 -17.34 0.54
N THR A 183 17.33 -17.88 1.77
CA THR A 183 18.22 -18.99 2.04
C THR A 183 17.46 -20.30 1.95
N GLY A 184 16.15 -20.20 1.72
CA GLY A 184 15.32 -21.37 1.55
C GLY A 184 14.51 -21.71 2.79
N SER A 185 14.87 -21.13 3.91
CA SER A 185 14.15 -21.39 5.15
C SER A 185 12.73 -20.84 5.11
N VAL A 186 11.75 -21.71 5.20
CA VAL A 186 10.37 -21.27 5.27
C VAL A 186 10.07 -20.72 6.67
N TYR A 187 9.53 -19.52 6.73
CA TYR A 187 9.22 -18.86 7.99
C TYR A 187 8.34 -19.74 8.87
N GLY A 188 8.67 -19.81 10.16
CA GLY A 188 7.90 -20.57 11.12
C GLY A 188 7.95 -22.08 10.93
N ASN A 189 8.87 -22.52 10.07
CA ASN A 189 9.08 -23.94 9.81
C ASN A 189 7.84 -24.63 9.23
N PHE A 190 7.10 -23.95 8.36
CA PHE A 190 6.02 -24.61 7.64
C PHE A 190 6.60 -25.35 6.46
N ASP A 191 5.85 -26.29 5.91
CA ASP A 191 6.34 -27.06 4.77
C ASP A 191 5.75 -26.53 3.48
N ASP A 192 6.55 -26.47 2.43
CA ASP A 192 6.03 -26.17 1.11
C ASP A 192 5.42 -27.44 0.54
N GLN A 193 4.40 -27.94 1.23
CA GLN A 193 3.63 -29.12 0.85
C GLN A 193 2.13 -28.78 1.04
N PRO A 194 1.26 -29.39 0.24
CA PRO A 194 -0.18 -29.16 0.41
C PRO A 194 -0.80 -29.93 1.58
N SER A 195 -0.05 -30.09 2.67
CA SER A 195 -0.53 -30.85 3.82
C SER A 195 -1.39 -29.99 4.74
N LEU A 196 -2.10 -30.62 5.67
CA LEU A 196 -2.86 -29.88 6.65
C LEU A 196 -1.90 -29.31 7.68
N GLN A 197 -1.69 -28.00 7.61
CA GLN A 197 -0.77 -27.32 8.52
CA GLN A 197 -0.78 -27.32 8.52
C GLN A 197 -1.52 -26.21 9.25
N VAL A 198 -1.48 -26.26 10.58
CA VAL A 198 -2.14 -25.24 11.38
C VAL A 198 -1.12 -24.39 12.16
N GLU A 199 -1.31 -23.08 12.14
CA GLU A 199 -0.38 -22.17 12.79
C GLU A 199 -0.90 -21.75 14.15
N SER A 200 -0.01 -21.23 14.99
CA SER A 200 -0.42 -20.72 16.30
C SER A 200 -1.38 -19.54 16.13
N ALA A 201 -2.26 -19.36 17.10
CA ALA A 201 -3.17 -18.22 17.09
C ALA A 201 -2.37 -16.94 17.08
N ASN A 202 -2.84 -15.96 16.31
CA ASN A 202 -2.17 -14.68 16.18
C ASN A 202 -2.26 -13.88 17.46
N LEU A 203 -1.20 -13.14 17.78
CA LEU A 203 -1.23 -12.24 18.93
C LEU A 203 -1.18 -10.78 18.47
N MET A 204 -1.85 -9.90 19.19
CA MET A 204 -1.79 -8.47 18.89
C MET A 204 -0.40 -7.94 19.22
N LEU A 205 0.23 -7.27 18.26
CA LEU A 205 1.54 -6.70 18.49
C LEU A 205 1.41 -5.48 19.37
N SER A 206 1.49 -5.70 20.68
CA SER A 206 1.24 -4.65 21.67
C SER A 206 2.17 -3.46 21.54
N ASP A 207 3.39 -3.68 21.07
CA ASP A 207 4.31 -2.58 20.80
C ASP A 207 3.69 -1.61 19.81
N ASN A 208 3.04 -2.16 18.80
CA ASN A 208 2.42 -1.36 17.76
C ASN A 208 1.19 -0.61 18.28
N VAL A 209 0.42 -1.28 19.13
CA VAL A 209 -0.78 -0.68 19.69
C VAL A 209 -0.43 0.54 20.51
N VAL A 210 0.63 0.40 21.32
CA VAL A 210 1.12 1.52 22.11
C VAL A 210 1.55 2.67 21.21
N ALA A 211 2.29 2.34 20.16
CA ALA A 211 2.75 3.34 19.20
C ALA A 211 1.55 4.03 18.53
N PHE A 212 0.54 3.23 18.22
CA PHE A 212 -0.68 3.72 17.60
C PHE A 212 -1.37 4.72 18.50
N LEU A 213 -1.47 4.39 19.79
CA LEU A 213 -2.13 5.26 20.73
C LEU A 213 -1.36 6.56 20.93
N TYR A 214 -0.04 6.50 20.83
CA TYR A 214 0.76 7.72 20.92
C TYR A 214 0.44 8.61 19.72
N ALA A 215 0.27 7.97 18.56
CA ALA A 215 -0.10 8.70 17.36
C ALA A 215 -1.42 9.42 17.55
N ALA A 216 -2.38 8.77 18.20
CA ALA A 216 -3.68 9.37 18.46
C ALA A 216 -3.52 10.61 19.34
N LEU A 217 -2.68 10.50 20.36
CA LEU A 217 -2.40 11.61 21.25
C LEU A 217 -1.82 12.77 20.47
N LEU A 218 -1.00 12.44 19.47
CA LEU A 218 -0.38 13.49 18.66
C LEU A 218 -1.36 14.11 17.68
N ASN A 219 -2.54 13.51 17.52
CA ASN A 219 -3.53 14.07 16.61
C ASN A 219 -4.76 14.62 17.31
N GLY A 220 -4.67 14.82 18.62
CA GLY A 220 -5.75 15.45 19.36
C GLY A 220 -6.81 14.45 19.81
N CYS A 221 -6.60 13.18 19.50
CA CYS A 221 -7.53 12.15 19.93
C CYS A 221 -7.13 11.72 21.32
N ARG A 222 -7.96 12.06 22.31
CA ARG A 222 -7.58 11.88 23.72
C ARG A 222 -8.70 11.24 24.54
N TRP A 223 -9.89 11.16 23.95
CA TRP A 223 -11.07 10.70 24.67
C TRP A 223 -10.88 9.35 25.35
N TRP A 224 -10.06 8.52 24.73
CA TRP A 224 -9.87 7.14 25.15
C TRP A 224 -8.94 7.00 26.36
N LEU A 225 -8.23 8.08 26.68
CA LEU A 225 -7.25 8.06 27.75
C LEU A 225 -7.86 7.63 29.06
N CYS A 226 -7.35 6.55 29.63
CA CYS A 226 -7.87 6.04 30.88
C CYS A 226 -7.21 6.75 32.06
N SER A 227 -7.92 6.83 33.18
CA SER A 227 -7.46 7.49 34.39
C SER A 227 -6.73 6.47 35.24
N THR A 228 -6.66 5.25 34.73
CA THR A 228 -6.16 4.11 35.49
C THR A 228 -4.70 3.84 35.16
N ARG A 229 -3.96 3.22 36.08
CA ARG A 229 -2.58 2.82 35.80
C ARG A 229 -2.41 1.29 35.85
N VAL A 230 -1.56 0.76 34.96
CA VAL A 230 -1.26 -0.67 34.92
C VAL A 230 0.22 -0.92 34.57
N ASN A 231 0.92 -1.65 35.44
CA ASN A 231 2.35 -1.94 35.23
C ASN A 231 2.60 -2.99 34.16
N VAL A 232 3.86 -3.13 33.74
CA VAL A 232 4.23 -4.00 32.63
C VAL A 232 3.86 -5.45 32.87
N ASP A 233 4.14 -5.94 34.07
CA ASP A 233 3.81 -7.31 34.39
C ASP A 233 2.30 -7.52 34.50
N GLY A 234 1.59 -6.57 35.08
CA GLY A 234 0.15 -6.70 35.23
C GLY A 234 -0.56 -6.76 33.89
N PHE A 235 0.00 -6.07 32.92
CA PHE A 235 -0.55 -6.06 31.58
C PHE A 235 -0.14 -7.33 30.85
N ASN A 236 1.04 -7.84 31.16
CA ASN A 236 1.54 -9.00 30.43
C ASN A 236 0.68 -10.23 30.66
N GLU A 237 0.08 -10.34 31.85
CA GLU A 237 -0.81 -11.50 32.01
C GLU A 237 -2.28 -11.12 31.90
N TRP A 238 -2.54 -9.86 31.52
CA TRP A 238 -3.82 -9.54 30.95
C TRP A 238 -3.75 -9.97 29.48
N ALA A 239 -2.55 -9.87 28.94
CA ALA A 239 -2.27 -10.19 27.57
C ALA A 239 -2.44 -11.69 27.30
N MET A 240 -2.01 -12.52 28.25
CA MET A 240 -2.23 -13.95 28.23
C MET A 240 -3.65 -14.41 27.89
N ALA A 241 -4.67 -13.66 28.31
CA ALA A 241 -6.03 -14.16 28.22
C ALA A 241 -6.81 -13.43 27.17
N ASN A 242 -6.13 -12.58 26.40
CA ASN A 242 -6.85 -11.80 25.41
C ASN A 242 -6.19 -11.73 24.04
N GLY A 243 -5.18 -12.56 23.83
CA GLY A 243 -4.57 -12.67 22.51
C GLY A 243 -3.62 -11.52 22.19
N TYR A 244 -2.87 -11.06 23.19
CA TYR A 244 -1.92 -9.96 23.02
C TYR A 244 -0.50 -10.39 23.39
N THR A 245 0.50 -9.76 22.79
CA THR A 245 1.89 -10.07 23.12
C THR A 245 2.30 -9.40 24.41
N SER A 246 3.49 -9.73 24.90
CA SER A 246 4.04 -9.03 26.05
C SER A 246 4.47 -7.65 25.59
N VAL A 247 4.51 -6.70 26.51
CA VAL A 247 4.90 -5.33 26.17
C VAL A 247 6.42 -5.22 26.21
N SER A 248 7.00 -4.78 25.11
CA SER A 248 8.44 -4.81 24.95
C SER A 248 9.14 -3.44 24.82
N SER A 249 9.61 -2.82 25.92
CA SER A 249 9.47 -3.22 27.33
C SER A 249 9.68 -1.93 28.16
N VAL A 250 8.85 -0.92 27.85
CA VAL A 250 8.80 0.37 28.55
C VAL A 250 9.84 1.47 28.27
N GLU A 251 11.12 1.12 28.24
CA GLU A 251 12.19 2.12 28.05
C GLU A 251 12.25 2.81 26.67
N CYS A 252 11.61 2.24 25.67
CA CYS A 252 11.61 2.84 24.33
C CYS A 252 10.69 4.03 24.11
N TYR A 253 9.66 4.18 24.96
CA TYR A 253 8.66 5.23 24.78
C TYR A 253 8.88 6.50 25.60
N SER A 254 10.08 6.69 26.14
CA SER A 254 10.35 7.81 27.02
C SER A 254 10.28 9.16 26.31
N ILE A 255 10.47 9.16 25.00
CA ILE A 255 10.49 10.40 24.23
C ILE A 255 9.08 10.98 24.05
N LEU A 256 8.14 10.12 23.68
CA LEU A 256 6.77 10.53 23.40
C LEU A 256 5.91 10.59 24.66
N ALA A 257 6.38 9.96 25.73
CA ALA A 257 5.66 10.01 27.01
C ALA A 257 5.49 11.46 27.48
N ALA A 258 6.49 12.29 27.16
CA ALA A 258 6.49 13.70 27.55
C ALA A 258 5.43 14.56 26.86
N LYS A 259 5.34 14.46 25.54
CA LYS A 259 4.43 15.32 24.76
C LYS A 259 2.97 15.05 25.10
N THR A 260 2.76 14.01 25.90
CA THR A 260 1.41 13.63 26.26
C THR A 260 1.19 13.84 27.76
N GLY A 261 2.24 13.61 28.55
CA GLY A 261 2.11 13.67 29.99
C GLY A 261 1.51 12.34 30.41
N VAL A 262 1.48 11.42 29.44
CA VAL A 262 0.91 10.09 29.63
C VAL A 262 2.02 9.06 29.75
N SER A 263 1.97 8.26 30.82
CA SER A 263 2.94 7.19 30.98
C SER A 263 2.50 6.01 30.14
N VAL A 264 3.46 5.16 29.78
CA VAL A 264 3.17 3.93 29.06
C VAL A 264 2.17 3.12 29.87
N GLU A 265 2.27 3.23 31.19
CA GLU A 265 1.35 2.54 32.07
C GLU A 265 -0.06 3.06 31.85
N GLN A 266 -0.18 4.35 31.55
CA GLN A 266 -1.49 4.92 31.26
C GLN A 266 -1.87 4.57 29.84
N LEU A 267 -0.89 4.21 29.02
CA LEU A 267 -1.18 3.68 27.69
C LEU A 267 -1.39 2.18 27.75
N LEU A 268 -1.04 1.57 28.88
CA LEU A 268 -1.26 0.15 29.04
C LEU A 268 -2.63 -0.21 29.57
N ALA A 269 -3.19 0.60 30.45
CA ALA A 269 -4.51 0.32 31.03
C ALA A 269 -5.71 0.61 30.09
N SER A 270 -5.51 1.53 29.14
CA SER A 270 -6.56 1.92 28.20
C SER A 270 -6.86 0.80 27.22
N ILE A 271 -5.82 0.09 26.81
CA ILE A 271 -5.94 -1.05 25.91
C ILE A 271 -6.92 -2.05 26.52
N GLN A 272 -6.77 -2.29 27.82
CA GLN A 272 -7.68 -3.17 28.56
C GLN A 272 -9.11 -2.65 28.48
N HIS A 273 -9.27 -1.35 28.73
CA HIS A 273 -10.60 -0.79 28.75
C HIS A 273 -11.19 -0.74 27.34
N LEU A 274 -10.34 -0.42 26.36
CA LEU A 274 -10.81 -0.30 24.98
C LEU A 274 -10.99 -1.66 24.32
N HIS A 275 -10.31 -2.67 24.85
CA HIS A 275 -10.47 -4.03 24.36
C HIS A 275 -11.93 -4.45 24.51
N GLU A 276 -12.47 -4.18 25.70
CA GLU A 276 -13.91 -4.28 25.99
C GLU A 276 -14.75 -3.73 24.84
N GLY A 277 -14.39 -2.53 24.38
CA GLY A 277 -15.13 -1.87 23.30
C GLY A 277 -14.95 -0.37 23.28
N PHE A 278 -15.31 0.24 22.14
CA PHE A 278 -15.13 1.68 21.97
C PHE A 278 -16.40 2.46 22.27
N GLY A 279 -17.51 1.76 22.39
CA GLY A 279 -18.79 2.40 22.60
C GLY A 279 -19.22 3.20 21.37
N GLY A 280 -18.85 2.73 20.18
CA GLY A 280 -19.27 3.42 18.97
C GLY A 280 -18.23 4.37 18.42
N LYS A 281 -17.61 5.11 19.32
CA LYS A 281 -16.58 6.11 18.98
C LYS A 281 -15.40 5.50 18.21
N ASN A 282 -14.54 6.34 17.65
CA ASN A 282 -13.38 5.88 16.90
C ASN A 282 -12.05 6.47 17.39
N ILE A 283 -10.95 5.87 16.95
CA ILE A 283 -9.61 6.40 17.16
C ILE A 283 -8.86 6.42 15.84
N LEU A 284 -8.71 7.61 15.27
CA LEU A 284 -8.07 7.79 13.97
C LEU A 284 -8.77 6.96 12.91
N GLY A 285 -10.10 6.88 12.99
CA GLY A 285 -10.89 6.16 12.02
C GLY A 285 -11.16 4.71 12.39
N TYR A 286 -10.41 4.20 13.37
CA TYR A 286 -10.51 2.81 13.78
C TYR A 286 -11.49 2.59 14.93
N SER A 287 -12.36 1.59 14.79
CA SER A 287 -13.35 1.28 15.82
C SER A 287 -12.86 0.15 16.72
N SER A 288 -11.61 -0.25 16.54
CA SER A 288 -10.98 -1.23 17.42
C SER A 288 -9.49 -0.96 17.46
N LEU A 289 -8.79 -1.60 18.40
CA LEU A 289 -7.36 -1.36 18.58
C LEU A 289 -6.55 -1.77 17.34
N CYS A 290 -5.54 -0.98 17.00
CA CYS A 290 -4.77 -1.19 15.78
C CYS A 290 -3.28 -1.48 16.04
N ASP A 291 -2.82 -2.64 15.59
CA ASP A 291 -1.42 -3.00 15.77
C ASP A 291 -0.68 -3.08 14.44
N GLU A 292 -1.19 -2.34 13.46
CA GLU A 292 -0.68 -2.44 12.10
C GLU A 292 0.55 -1.57 11.88
N PHE A 293 0.73 -0.58 12.74
CA PHE A 293 1.81 0.39 12.60
C PHE A 293 2.90 0.26 13.66
N THR A 294 4.16 0.20 13.24
CA THR A 294 5.27 0.20 14.18
C THR A 294 5.56 1.60 14.66
N LEU A 295 6.37 1.71 15.70
CA LEU A 295 6.80 3.00 16.19
C LEU A 295 7.61 3.76 15.14
N ALA A 296 8.46 3.04 14.40
CA ALA A 296 9.27 3.65 13.36
C ALA A 296 8.40 4.24 12.25
N GLU A 297 7.37 3.49 11.84
CA GLU A 297 6.45 3.97 10.81
C GLU A 297 5.73 5.23 11.28
N VAL A 298 5.33 5.23 12.54
CA VAL A 298 4.63 6.39 13.10
C VAL A 298 5.51 7.62 13.05
N VAL A 299 6.70 7.53 13.64
CA VAL A 299 7.64 8.65 13.70
C VAL A 299 8.02 9.16 12.31
N LYS A 300 8.21 8.24 11.38
CA LYS A 300 8.57 8.57 10.02
C LYS A 300 7.45 9.35 9.30
N GLN A 301 6.21 8.93 9.52
CA GLN A 301 5.06 9.60 8.90
C GLN A 301 4.73 10.92 9.58
N MET A 302 5.08 11.02 10.85
CA MET A 302 4.80 12.24 11.62
C MET A 302 5.82 13.32 11.35
N TYR A 303 7.09 12.95 11.36
CA TYR A 303 8.17 13.92 11.40
C TYR A 303 9.23 13.74 10.31
N GLY A 304 9.12 12.68 9.52
CA GLY A 304 10.05 12.46 8.43
C GLY A 304 11.34 11.81 8.89
N VAL A 305 11.29 11.10 10.01
CA VAL A 305 12.45 10.37 10.52
C VAL A 305 12.33 8.87 10.31
N LEU B 3 -7.01 -21.36 2.05
CA LEU B 3 -8.14 -22.23 1.71
C LEU B 3 -9.47 -21.59 2.08
N GLY B 4 -10.31 -21.38 1.08
CA GLY B 4 -11.61 -20.78 1.28
C GLY B 4 -11.57 -19.26 1.19
N SER B 5 -10.50 -18.74 0.60
CA SER B 5 -10.34 -17.31 0.44
C SER B 5 -8.99 -16.96 -0.18
N SER B 6 -8.78 -15.68 -0.46
CA SER B 6 -7.53 -15.23 -1.06
C SER B 6 -6.93 -14.07 -0.26
N GLY B 7 -7.79 -13.31 0.42
CA GLY B 7 -7.34 -12.19 1.22
C GLY B 7 -7.46 -10.87 0.47
N LEU B 8 -8.02 -9.87 1.14
CA LEU B 8 -8.19 -8.55 0.54
C LEU B 8 -7.20 -7.61 1.17
N LYS B 9 -6.31 -7.06 0.36
CA LYS B 9 -5.26 -6.17 0.83
C LYS B 9 -5.18 -4.91 -0.01
N LYS B 10 -5.11 -3.76 0.64
CA LYS B 10 -4.99 -2.50 -0.07
C LYS B 10 -3.59 -2.31 -0.63
N MET B 11 -3.49 -2.19 -1.95
CA MET B 11 -2.20 -2.03 -2.61
C MET B 11 -2.16 -0.86 -3.56
N ALA B 12 -0.94 -0.45 -3.87
CA ALA B 12 -0.71 0.54 -4.90
C ALA B 12 -0.10 -0.20 -6.06
N GLN B 13 -0.26 0.33 -7.27
CA GLN B 13 0.45 -0.23 -8.40
C GLN B 13 1.93 0.12 -8.25
N PRO B 14 2.82 -0.70 -8.84
CA PRO B 14 4.27 -0.51 -8.77
C PRO B 14 4.69 0.92 -9.08
N SER B 15 5.69 1.43 -8.37
CA SER B 15 6.09 2.82 -8.51
C SER B 15 7.29 3.06 -9.43
N GLY B 16 7.90 1.98 -9.91
CA GLY B 16 9.11 2.06 -10.70
C GLY B 16 9.14 3.08 -11.83
N CYS B 17 8.21 2.97 -12.77
CA CYS B 17 8.23 3.84 -13.94
C CYS B 17 7.99 5.30 -13.57
N VAL B 18 7.29 5.53 -12.47
CA VAL B 18 7.02 6.90 -12.01
C VAL B 18 8.20 7.48 -11.25
N GLU B 19 8.88 6.63 -10.49
CA GLU B 19 10.07 7.05 -9.77
C GLU B 19 11.10 7.67 -10.71
N ARG B 20 11.27 7.07 -11.88
CA ARG B 20 12.27 7.55 -12.82
C ARG B 20 11.88 8.88 -13.46
N CYS B 21 10.71 9.40 -13.09
CA CYS B 21 10.28 10.70 -13.60
C CYS B 21 10.33 11.76 -12.50
N VAL B 22 10.45 11.35 -11.25
CA VAL B 22 10.48 12.30 -10.15
C VAL B 22 11.80 13.04 -10.08
N VAL B 23 11.72 14.36 -9.99
CA VAL B 23 12.91 15.19 -9.89
C VAL B 23 12.83 16.16 -8.73
N ARG B 24 14.00 16.62 -8.29
CA ARG B 24 14.10 17.66 -7.28
C ARG B 24 14.08 19.03 -7.93
N VAL B 25 13.04 19.82 -7.62
CA VAL B 25 12.89 21.16 -8.16
C VAL B 25 13.10 22.23 -7.11
N CYS B 26 14.12 23.05 -7.29
CA CYS B 26 14.44 24.09 -6.33
C CYS B 26 14.43 25.47 -6.96
N TYR B 27 13.70 26.40 -6.34
CA TYR B 27 13.74 27.81 -6.72
C TYR B 27 14.09 28.65 -5.50
N GLY B 28 15.20 29.37 -5.59
CA GLY B 28 15.70 30.10 -4.45
C GLY B 28 16.07 29.15 -3.34
N SER B 29 15.26 29.14 -2.29
CA SER B 29 15.48 28.25 -1.17
C SER B 29 14.30 27.30 -0.98
N THR B 30 13.31 27.42 -1.86
CA THR B 30 12.12 26.57 -1.82
C THR B 30 12.37 25.27 -2.60
N VAL B 31 12.10 24.13 -1.97
CA VAL B 31 12.36 22.84 -2.59
C VAL B 31 11.15 21.92 -2.56
N LEU B 32 10.71 21.47 -3.73
CA LEU B 32 9.67 20.45 -3.78
C LEU B 32 9.89 19.52 -4.97
N ASN B 33 8.84 18.77 -5.34
CA ASN B 33 8.98 17.74 -6.36
C ASN B 33 8.40 18.14 -7.70
N GLY B 34 8.99 17.59 -8.76
CA GLY B 34 8.48 17.77 -10.10
C GLY B 34 8.42 16.44 -10.80
N VAL B 35 7.67 16.37 -11.89
CA VAL B 35 7.59 15.18 -12.71
C VAL B 35 8.20 15.45 -14.08
N TRP B 36 9.14 14.59 -14.49
CA TRP B 36 9.95 14.81 -15.67
C TRP B 36 9.52 13.92 -16.83
N LEU B 37 8.80 14.50 -17.78
CA LEU B 37 8.35 13.78 -18.97
C LEU B 37 8.81 14.50 -20.23
N GLY B 38 9.50 13.78 -21.10
CA GLY B 38 10.07 14.40 -22.28
C GLY B 38 11.13 15.41 -21.90
N ASP B 39 10.95 16.66 -22.33
CA ASP B 39 11.89 17.71 -21.97
C ASP B 39 11.25 18.69 -21.00
N THR B 40 10.16 18.25 -20.37
CA THR B 40 9.36 19.13 -19.53
C THR B 40 9.16 18.63 -18.10
N VAL B 41 9.43 19.51 -17.15
CA VAL B 41 9.17 19.19 -15.75
C VAL B 41 7.95 19.94 -15.24
N THR B 42 6.96 19.18 -14.77
CA THR B 42 5.75 19.79 -14.22
C THR B 42 5.77 19.75 -12.70
N CYS B 43 5.53 20.90 -12.08
CA CYS B 43 5.53 21.01 -10.62
C CYS B 43 4.56 22.11 -10.19
N PRO B 44 4.14 22.10 -8.91
CA PRO B 44 3.30 23.16 -8.36
C PRO B 44 3.90 24.55 -8.54
N ARG B 45 3.09 25.54 -8.91
CA ARG B 45 3.63 26.85 -9.24
C ARG B 45 4.05 27.64 -8.01
N HIS B 46 3.62 27.24 -6.83
CA HIS B 46 3.96 28.02 -5.64
C HIS B 46 5.42 27.84 -5.23
N VAL B 47 6.18 27.11 -6.05
CA VAL B 47 7.60 26.95 -5.79
C VAL B 47 8.32 28.29 -5.99
N ILE B 48 7.72 29.17 -6.79
CA ILE B 48 8.33 30.48 -7.05
C ILE B 48 7.73 31.54 -6.14
N ALA B 49 6.81 31.14 -5.27
CA ALA B 49 6.21 32.10 -4.36
C ALA B 49 7.22 32.52 -3.30
N PRO B 50 7.42 33.83 -3.13
CA PRO B 50 8.39 34.28 -2.13
C PRO B 50 7.97 33.79 -0.75
N SER B 51 6.67 33.69 -0.51
CA SER B 51 6.19 33.09 0.73
C SER B 51 5.08 32.13 0.36
N THR B 52 4.90 31.06 1.13
CA THR B 52 3.84 30.09 0.90
C THR B 52 2.80 30.22 2.01
N THR B 53 3.18 30.97 3.04
CA THR B 53 2.40 31.12 4.26
C THR B 53 1.61 32.43 4.34
N VAL B 54 1.33 32.99 3.17
CA VAL B 54 0.66 34.29 3.02
C VAL B 54 0.00 34.30 1.65
N LEU B 55 -1.08 35.06 1.47
CA LEU B 55 -1.70 35.18 0.16
C LEU B 55 -0.68 35.52 -0.92
N ILE B 56 -0.67 34.70 -1.96
CA ILE B 56 0.32 34.82 -3.01
C ILE B 56 -0.19 35.55 -4.24
N ASP B 57 0.54 36.59 -4.65
CA ASP B 57 0.30 37.23 -5.93
C ASP B 57 1.05 36.47 -7.01
N TYR B 58 0.40 35.50 -7.62
CA TYR B 58 1.08 34.66 -8.61
C TYR B 58 1.50 35.44 -9.86
N ASP B 59 0.70 36.42 -10.27
CA ASP B 59 1.05 37.23 -11.44
C ASP B 59 2.41 37.88 -11.24
N HIS B 60 2.56 38.53 -10.08
CA HIS B 60 3.80 39.21 -9.73
C HIS B 60 4.93 38.20 -9.54
N ALA B 61 4.57 37.01 -9.05
CA ALA B 61 5.55 35.97 -8.79
C ALA B 61 6.20 35.50 -10.07
N TYR B 62 5.39 35.37 -11.11
CA TYR B 62 5.90 34.86 -12.38
C TYR B 62 6.70 35.93 -13.14
N SER B 63 6.30 37.18 -13.02
CA SER B 63 6.96 38.24 -13.78
C SER B 63 8.30 38.62 -13.19
N THR B 64 8.47 38.39 -11.88
CA THR B 64 9.74 38.70 -11.25
C THR B 64 10.60 37.45 -11.14
N MET B 65 10.14 36.38 -11.77
CA MET B 65 10.85 35.12 -11.78
C MET B 65 12.12 35.21 -12.61
N ARG B 66 13.18 34.62 -12.12
CA ARG B 66 14.44 34.57 -12.84
C ARG B 66 14.93 33.12 -12.94
N LEU B 67 15.38 32.73 -14.13
CA LEU B 67 15.65 31.33 -14.42
C LEU B 67 16.86 30.81 -13.62
N HIS B 68 17.85 31.66 -13.38
CA HIS B 68 19.08 31.20 -12.72
C HIS B 68 18.87 30.81 -11.26
N ASN B 69 17.66 31.05 -10.75
CA ASN B 69 17.33 30.63 -9.40
C ASN B 69 16.73 29.22 -9.38
N PHE B 70 16.51 28.66 -10.56
CA PHE B 70 15.99 27.30 -10.67
C PHE B 70 17.12 26.28 -10.63
N SER B 71 16.82 25.15 -10.02
CA SER B 71 17.75 24.06 -9.92
C SER B 71 17.00 22.73 -10.01
N VAL B 72 17.08 22.07 -11.16
CA VAL B 72 16.39 20.81 -11.34
C VAL B 72 17.40 19.65 -11.41
N SER B 73 17.18 18.63 -10.59
CA SER B 73 18.09 17.50 -10.54
C SER B 73 17.31 16.19 -10.50
N HIS B 74 17.91 15.13 -11.02
CA HIS B 74 17.40 13.78 -10.89
C HIS B 74 18.49 12.91 -10.28
N ASN B 75 18.20 12.36 -9.11
CA ASN B 75 19.19 11.61 -8.33
C ASN B 75 20.51 12.37 -8.22
N GLY B 76 20.42 13.68 -8.01
CA GLY B 76 21.59 14.50 -7.80
C GLY B 76 22.28 14.98 -9.07
N VAL B 77 21.80 14.51 -10.23
CA VAL B 77 22.33 14.95 -11.52
C VAL B 77 21.51 16.13 -12.01
N PHE B 78 22.16 17.26 -12.24
CA PHE B 78 21.45 18.49 -12.54
C PHE B 78 21.07 18.61 -14.00
N LEU B 79 19.82 19.00 -14.24
CA LEU B 79 19.35 19.27 -15.59
C LEU B 79 19.45 20.77 -15.85
N GLY B 80 19.44 21.15 -17.12
CA GLY B 80 19.59 22.54 -17.47
C GLY B 80 18.28 23.23 -17.80
N VAL B 81 17.91 24.20 -16.96
CA VAL B 81 16.68 24.94 -17.17
C VAL B 81 16.80 25.85 -18.37
N VAL B 82 15.83 25.77 -19.27
CA VAL B 82 15.84 26.51 -20.54
C VAL B 82 14.68 27.50 -20.64
N GLY B 83 13.53 27.14 -20.08
CA GLY B 83 12.37 28.00 -20.08
C GLY B 83 11.34 27.60 -19.05
N VAL B 84 10.57 28.56 -18.57
CA VAL B 84 9.50 28.29 -17.62
C VAL B 84 8.22 29.01 -18.02
N THR B 85 7.10 28.28 -18.03
CA THR B 85 5.80 28.83 -18.38
C THR B 85 4.75 28.42 -17.36
N MET B 86 3.80 29.30 -17.09
CA MET B 86 2.78 29.04 -16.07
C MET B 86 1.46 28.61 -16.68
N HIS B 87 0.86 27.54 -16.15
CA HIS B 87 -0.43 27.06 -16.63
C HIS B 87 -1.30 26.62 -15.46
N GLY B 88 -2.30 27.41 -15.11
CA GLY B 88 -3.13 27.07 -13.98
C GLY B 88 -2.32 27.13 -12.70
N SER B 89 -2.32 26.04 -11.96
CA SER B 89 -1.63 26.00 -10.68
C SER B 89 -0.28 25.29 -10.78
N VAL B 90 0.20 25.07 -12.00
CA VAL B 90 1.48 24.41 -12.17
C VAL B 90 2.40 25.20 -13.07
N LEU B 91 3.68 24.86 -13.00
CA LEU B 91 4.70 25.36 -13.92
C LEU B 91 5.19 24.24 -14.82
N ARG B 92 5.49 24.57 -16.07
CA ARG B 92 6.12 23.59 -16.95
C ARG B 92 7.53 24.06 -17.27
N ILE B 93 8.51 23.37 -16.73
CA ILE B 93 9.91 23.74 -16.87
C ILE B 93 10.58 23.00 -18.00
N LYS B 94 10.96 23.73 -19.05
CA LYS B 94 11.68 23.13 -20.17
C LYS B 94 13.15 22.94 -19.82
N VAL B 95 13.65 21.72 -19.98
CA VAL B 95 15.05 21.43 -19.70
C VAL B 95 15.78 20.94 -20.95
N SER B 96 17.09 21.03 -20.94
CA SER B 96 17.91 20.58 -22.06
C SER B 96 17.83 19.06 -22.23
N GLN B 97 18.13 18.35 -21.16
CA GLN B 97 18.12 16.89 -21.19
C GLN B 97 16.69 16.36 -21.24
N SER B 98 16.49 15.35 -22.07
CA SER B 98 15.20 14.69 -22.17
C SER B 98 15.21 13.38 -21.39
N ASN B 99 14.16 13.13 -20.63
CA ASN B 99 14.05 11.91 -19.83
C ASN B 99 13.96 10.67 -20.70
N VAL B 100 15.05 9.93 -20.81
CA VAL B 100 15.09 8.75 -21.66
C VAL B 100 14.23 7.64 -21.09
N HIS B 101 13.80 7.79 -19.84
CA HIS B 101 12.94 6.81 -19.20
C HIS B 101 11.51 7.33 -19.12
N THR B 102 11.11 8.11 -20.13
CA THR B 102 9.75 8.60 -20.20
C THR B 102 8.83 7.47 -20.62
N PRO B 103 7.91 7.10 -19.73
CA PRO B 103 7.00 5.99 -20.01
C PRO B 103 5.91 6.42 -20.97
N LYS B 104 5.36 5.48 -21.73
CA LYS B 104 4.18 5.71 -22.54
C LYS B 104 3.11 6.28 -21.60
N HIS B 105 2.73 7.54 -21.82
CA HIS B 105 1.88 8.22 -20.87
C HIS B 105 0.78 9.07 -21.50
N VAL B 106 -0.25 9.35 -20.71
CA VAL B 106 -1.28 10.33 -21.05
C VAL B 106 -1.61 11.12 -19.80
N PHE B 107 -2.40 12.18 -19.95
CA PHE B 107 -2.86 12.96 -18.82
C PHE B 107 -4.36 12.82 -18.65
N LYS B 108 -4.79 12.45 -17.45
CA LYS B 108 -6.22 12.25 -17.19
C LYS B 108 -6.66 13.07 -16.01
N THR B 109 -7.90 13.57 -16.03
CA THR B 109 -8.44 14.26 -14.87
C THR B 109 -9.38 13.33 -14.13
N LEU B 110 -9.12 13.12 -12.84
CA LEU B 110 -9.91 12.17 -12.07
C LEU B 110 -11.30 12.70 -11.78
N LYS B 111 -12.25 11.76 -11.64
CA LYS B 111 -13.59 12.06 -11.16
C LYS B 111 -13.80 11.37 -9.81
N PRO B 112 -14.69 11.92 -8.98
CA PRO B 112 -15.02 11.28 -7.70
C PRO B 112 -15.35 9.82 -7.86
N GLY B 113 -14.70 8.98 -7.07
CA GLY B 113 -14.90 7.54 -7.14
C GLY B 113 -13.74 6.81 -7.78
N ASP B 114 -12.89 7.55 -8.49
CA ASP B 114 -11.73 6.98 -9.15
C ASP B 114 -10.63 6.62 -8.17
N SER B 115 -10.05 5.45 -8.35
CA SER B 115 -8.89 5.10 -7.56
C SER B 115 -7.61 5.40 -8.33
N PHE B 116 -6.60 5.86 -7.61
CA PHE B 116 -5.29 6.06 -8.20
C PHE B 116 -4.20 5.80 -7.17
N ASN B 117 -2.95 6.03 -7.56
CA ASN B 117 -1.84 5.72 -6.69
C ASN B 117 -1.00 6.97 -6.42
N ILE B 118 -0.56 7.13 -5.18
CA ILE B 118 0.30 8.24 -4.82
C ILE B 118 1.75 7.79 -4.62
N LEU B 119 2.68 8.46 -5.29
CA LEU B 119 4.10 8.29 -4.98
C LEU B 119 4.56 9.46 -4.13
N ALA B 120 4.55 9.28 -2.82
CA ALA B 120 4.90 10.36 -1.90
C ALA B 120 6.38 10.66 -1.97
N CYS B 121 6.73 11.88 -2.35
CA CYS B 121 8.13 12.25 -2.56
C CYS B 121 8.57 13.43 -1.72
N TYR B 122 9.85 13.42 -1.35
CA TYR B 122 10.45 14.52 -0.62
C TYR B 122 11.84 14.78 -1.17
N GLU B 123 12.15 16.05 -1.44
CA GLU B 123 13.44 16.45 -1.97
C GLU B 123 13.73 15.76 -3.32
N GLY B 124 12.68 15.39 -4.04
CA GLY B 124 12.86 14.72 -5.31
C GLY B 124 13.13 13.22 -5.18
N ILE B 125 13.02 12.69 -3.98
CA ILE B 125 13.19 11.25 -3.80
C ILE B 125 11.93 10.60 -3.24
N ALA B 126 11.44 9.59 -3.96
CA ALA B 126 10.26 8.85 -3.53
C ALA B 126 10.53 8.13 -2.22
N SER B 127 9.62 8.28 -1.25
CA SER B 127 9.82 7.62 0.03
C SER B 127 8.71 6.64 0.37
N GLY B 128 7.57 6.74 -0.31
CA GLY B 128 6.46 5.84 -0.04
C GLY B 128 5.42 5.85 -1.15
N VAL B 129 4.71 4.73 -1.28
CA VAL B 129 3.69 4.60 -2.32
C VAL B 129 2.44 3.90 -1.77
N PHE B 130 1.27 4.45 -2.10
CA PHE B 130 0.01 3.92 -1.55
C PHE B 130 -1.22 4.27 -2.40
N GLY B 131 -2.28 3.49 -2.25
CA GLY B 131 -3.51 3.71 -2.99
C GLY B 131 -4.52 4.60 -2.29
N VAL B 132 -5.24 5.40 -3.09
CA VAL B 132 -6.24 6.32 -2.56
C VAL B 132 -7.42 6.45 -3.50
N ASN B 133 -8.53 6.98 -2.98
CA ASN B 133 -9.69 7.29 -3.79
C ASN B 133 -9.94 8.78 -3.84
N LEU B 134 -10.29 9.30 -5.01
CA LEU B 134 -10.75 10.68 -5.08
C LEU B 134 -12.16 10.70 -4.52
N ARG B 135 -12.35 11.41 -3.42
CA ARG B 135 -13.65 11.40 -2.73
C ARG B 135 -14.70 12.24 -3.46
N THR B 136 -15.92 12.21 -2.95
CA THR B 136 -17.01 12.96 -3.57
C THR B 136 -16.84 14.45 -3.43
N ASN B 137 -16.03 14.88 -2.46
CA ASN B 137 -15.75 16.29 -2.23
C ASN B 137 -14.41 16.71 -2.84
N PHE B 138 -13.92 15.87 -3.74
CA PHE B 138 -12.73 16.13 -4.55
C PHE B 138 -11.45 16.22 -3.72
N THR B 139 -11.47 15.65 -2.52
CA THR B 139 -10.27 15.56 -1.70
C THR B 139 -9.82 14.11 -1.64
N ILE B 140 -8.65 13.88 -1.06
CA ILE B 140 -8.18 12.53 -0.80
C ILE B 140 -7.69 12.41 0.64
N LYS B 141 -7.67 11.19 1.17
CA LYS B 141 -7.14 10.95 2.49
C LYS B 141 -5.76 10.34 2.37
N GLY B 142 -4.74 11.19 2.20
CA GLY B 142 -3.40 10.70 2.06
C GLY B 142 -2.56 10.86 3.31
N SER B 143 -1.25 10.86 3.13
CA SER B 143 -0.32 11.07 4.22
C SER B 143 0.82 11.92 3.70
N PHE B 144 0.86 13.17 4.12
CA PHE B 144 1.86 14.11 3.64
C PHE B 144 2.39 15.01 4.74
N ILE B 145 3.66 15.37 4.67
CA ILE B 145 4.15 16.42 5.54
C ILE B 145 4.89 17.44 4.68
N ASN B 146 5.56 18.40 5.32
CA ASN B 146 6.23 19.47 4.58
C ASN B 146 7.19 18.94 3.53
N GLY B 147 7.06 19.48 2.32
CA GLY B 147 7.93 19.14 1.22
C GLY B 147 7.39 18.02 0.34
N ALA B 148 6.12 17.68 0.52
CA ALA B 148 5.52 16.59 -0.21
C ALA B 148 4.98 17.05 -1.56
N CYS B 149 4.77 18.35 -1.66
CA CYS B 149 4.08 18.92 -2.82
C CYS B 149 4.80 18.56 -4.12
N GLY B 150 4.02 18.24 -5.14
CA GLY B 150 4.60 17.78 -6.39
C GLY B 150 4.56 16.27 -6.49
N SER B 151 4.26 15.60 -5.38
CA SER B 151 4.11 14.15 -5.40
C SER B 151 3.06 13.77 -6.43
N PRO B 152 3.44 12.88 -7.36
CA PRO B 152 2.56 12.49 -8.46
C PRO B 152 1.51 11.46 -8.08
N GLY B 153 0.31 11.60 -8.63
CA GLY B 153 -0.71 10.57 -8.56
C GLY B 153 -0.86 9.96 -9.94
N TYR B 154 -1.10 8.65 -9.99
CA TYR B 154 -1.08 7.94 -11.27
C TYR B 154 -1.89 6.65 -11.30
N ASN B 155 -2.18 6.19 -12.51
CA ASN B 155 -2.74 4.87 -12.78
C ASN B 155 -2.03 4.20 -13.93
N VAL B 156 -1.84 2.89 -13.83
CA VAL B 156 -1.19 2.18 -14.91
C VAL B 156 -2.19 1.28 -15.62
N ARG B 157 -2.42 1.55 -16.89
CA ARG B 157 -3.36 0.79 -17.70
C ARG B 157 -2.80 -0.59 -18.00
N ASN B 158 -3.61 -1.47 -18.57
CA ASN B 158 -3.15 -2.83 -18.88
C ASN B 158 -2.01 -2.86 -19.89
N ASP B 159 -2.07 -1.98 -20.87
CA ASP B 159 -1.05 -1.93 -21.91
C ASP B 159 0.20 -1.23 -21.42
N GLY B 160 0.17 -0.74 -20.19
CA GLY B 160 1.35 -0.13 -19.59
C GLY B 160 1.38 1.39 -19.66
N THR B 161 0.36 1.99 -20.25
CA THR B 161 0.29 3.44 -20.31
C THR B 161 0.06 4.02 -18.93
N VAL B 162 0.91 4.95 -18.53
CA VAL B 162 0.77 5.62 -17.25
C VAL B 162 -0.15 6.82 -17.39
N GLU B 163 -1.20 6.85 -16.60
CA GLU B 163 -2.08 8.02 -16.54
C GLU B 163 -1.61 8.91 -15.40
N PHE B 164 -1.05 10.08 -15.73
CA PHE B 164 -0.71 11.05 -14.70
C PHE B 164 -1.92 11.94 -14.43
N CYS B 165 -2.33 12.04 -13.17
CA CYS B 165 -3.59 12.71 -12.87
C CYS B 165 -3.61 13.53 -11.58
N TYR B 166 -2.47 13.67 -10.91
CA TYR B 166 -2.43 14.34 -9.62
C TYR B 166 -1.05 14.91 -9.31
N LEU B 167 -1.04 16.14 -8.80
CA LEU B 167 0.17 16.74 -8.24
C LEU B 167 -0.21 17.33 -6.89
N HIS B 168 0.36 16.80 -5.82
CA HIS B 168 -0.06 17.24 -4.51
C HIS B 168 0.24 18.71 -4.29
N GLN B 169 -0.70 19.43 -3.72
CA GLN B 169 -0.56 20.86 -3.55
C GLN B 169 -0.98 21.36 -2.16
N ILE B 170 -2.09 20.84 -1.64
CA ILE B 170 -2.71 21.47 -0.49
C ILE B 170 -3.17 20.51 0.57
N GLU B 171 -3.04 20.91 1.83
CA GLU B 171 -3.71 20.23 2.94
C GLU B 171 -4.65 21.21 3.59
N LEU B 172 -5.94 20.89 3.56
CA LEU B 172 -6.96 21.76 4.12
C LEU B 172 -6.88 21.72 5.64
N GLY B 173 -7.59 22.64 6.29
CA GLY B 173 -7.59 22.70 7.74
C GLY B 173 -8.16 21.44 8.36
N SER B 174 -8.99 20.72 7.62
CA SER B 174 -9.61 19.49 8.12
C SER B 174 -8.65 18.33 8.09
N GLY B 175 -7.53 18.50 7.40
CA GLY B 175 -6.57 17.43 7.23
C GLY B 175 -6.66 16.77 5.85
N ALA B 176 -7.74 17.08 5.13
CA ALA B 176 -7.96 16.53 3.78
C ALA B 176 -6.96 17.08 2.78
N HIS B 177 -6.56 16.25 1.83
CA HIS B 177 -5.53 16.65 0.86
C HIS B 177 -6.09 16.95 -0.52
N VAL B 178 -5.49 17.92 -1.19
CA VAL B 178 -5.92 18.37 -2.50
C VAL B 178 -4.72 18.51 -3.44
N GLY B 179 -4.90 18.15 -4.70
CA GLY B 179 -3.88 18.36 -5.70
C GLY B 179 -4.49 18.97 -6.95
N SER B 180 -3.67 19.09 -8.00
CA SER B 180 -4.16 19.52 -9.30
C SER B 180 -3.90 18.43 -10.31
N ASP B 181 -4.51 18.51 -11.49
CA ASP B 181 -4.10 17.62 -12.56
C ASP B 181 -2.88 18.26 -13.19
N PHE B 182 -2.34 17.63 -14.24
CA PHE B 182 -1.13 18.14 -14.88
C PHE B 182 -1.40 19.29 -15.84
N THR B 183 -2.66 19.68 -15.98
CA THR B 183 -3.00 20.87 -16.79
C THR B 183 -3.19 22.09 -15.89
N GLY B 184 -3.01 21.91 -14.59
CA GLY B 184 -3.05 23.03 -13.66
C GLY B 184 -4.36 23.16 -12.91
N SER B 185 -5.37 22.44 -13.36
CA SER B 185 -6.68 22.50 -12.73
C SER B 185 -6.64 21.92 -11.32
N VAL B 186 -6.91 22.75 -10.33
CA VAL B 186 -6.99 22.25 -8.96
C VAL B 186 -8.31 21.50 -8.77
N TYR B 187 -8.22 20.24 -8.31
CA TYR B 187 -9.40 19.42 -8.13
C TYR B 187 -10.44 20.08 -7.22
N GLY B 188 -11.70 20.00 -7.63
CA GLY B 188 -12.78 20.53 -6.82
C GLY B 188 -12.78 22.04 -6.75
N ASN B 189 -11.99 22.67 -7.62
CA ASN B 189 -11.90 24.12 -7.68
C ASN B 189 -11.45 24.76 -6.38
N PHE B 190 -10.53 24.10 -5.70
CA PHE B 190 -9.89 24.70 -4.54
C PHE B 190 -8.83 25.68 -5.01
N ASP B 191 -8.40 26.54 -4.10
CA ASP B 191 -7.40 27.54 -4.44
C ASP B 191 -6.04 27.09 -3.94
N ASP B 192 -4.98 27.29 -4.75
CA ASP B 192 -3.63 27.01 -4.27
C ASP B 192 -3.10 28.20 -3.46
N GLN B 193 -3.81 28.50 -2.37
CA GLN B 193 -3.46 29.56 -1.44
C GLN B 193 -3.56 29.04 -0.01
N PRO B 194 -2.78 29.60 0.92
CA PRO B 194 -2.91 29.14 2.30
C PRO B 194 -4.16 29.70 2.98
N SER B 195 -5.25 29.84 2.23
CA SER B 195 -6.47 30.45 2.75
C SER B 195 -7.37 29.45 3.45
N LEU B 196 -8.36 29.96 4.18
CA LEU B 196 -9.33 29.09 4.82
C LEU B 196 -10.26 28.57 3.74
N GLN B 197 -10.15 27.29 3.45
CA GLN B 197 -11.00 26.66 2.45
C GLN B 197 -11.72 25.47 3.05
N VAL B 198 -13.02 25.39 2.82
CA VAL B 198 -13.84 24.31 3.37
C VAL B 198 -14.32 23.37 2.29
N GLU B 199 -14.28 22.06 2.55
CA GLU B 199 -14.72 21.09 1.57
C GLU B 199 -16.11 20.58 1.89
N SER B 200 -16.79 20.04 0.89
CA SER B 200 -18.11 19.45 1.10
C SER B 200 -17.98 18.26 2.03
N ALA B 201 -19.03 17.97 2.79
CA ALA B 201 -19.02 16.78 3.63
C ALA B 201 -18.85 15.56 2.75
N ASN B 202 -17.99 14.65 3.16
CA ASN B 202 -17.71 13.45 2.38
C ASN B 202 -18.87 12.47 2.38
N LEU B 203 -19.08 11.80 1.25
CA LEU B 203 -20.09 10.75 1.16
C LEU B 203 -19.41 9.39 0.99
N MET B 204 -19.98 8.35 1.59
CA MET B 204 -19.45 7.00 1.45
C MET B 204 -19.67 6.49 0.02
N LEU B 205 -18.62 5.97 -0.60
CA LEU B 205 -18.75 5.41 -1.95
C LEU B 205 -19.48 4.06 -1.94
N SER B 206 -20.79 4.12 -2.10
CA SER B 206 -21.63 2.94 -1.97
C SER B 206 -21.25 1.79 -2.89
N ASP B 207 -20.79 2.12 -4.10
CA ASP B 207 -20.33 1.10 -5.03
C ASP B 207 -19.18 0.32 -4.44
N ASN B 208 -18.30 1.01 -3.73
CA ASN B 208 -17.15 0.36 -3.16
C ASN B 208 -17.51 -0.54 -2.00
N VAL B 209 -18.44 -0.09 -1.17
CA VAL B 209 -18.88 -0.87 -0.02
C VAL B 209 -19.47 -2.19 -0.47
N VAL B 210 -20.25 -2.13 -1.55
CA VAL B 210 -20.84 -3.35 -2.11
C VAL B 210 -19.77 -4.34 -2.53
N ALA B 211 -18.76 -3.84 -3.25
CA ALA B 211 -17.67 -4.69 -3.68
C ALA B 211 -16.94 -5.26 -2.47
N PHE B 212 -16.78 -4.44 -1.45
CA PHE B 212 -16.11 -4.85 -0.24
C PHE B 212 -16.84 -5.99 0.43
N LEU B 213 -18.16 -5.87 0.50
CA LEU B 213 -18.95 -6.89 1.17
C LEU B 213 -18.88 -8.21 0.40
N TYR B 214 -18.80 -8.12 -0.93
CA TYR B 214 -18.66 -9.32 -1.74
C TYR B 214 -17.31 -9.99 -1.45
N ALA B 215 -16.28 -9.17 -1.31
CA ALA B 215 -14.96 -9.69 -0.99
C ALA B 215 -15.02 -10.39 0.35
N ALA B 216 -15.76 -9.80 1.29
CA ALA B 216 -15.91 -10.39 2.61
C ALA B 216 -16.58 -11.74 2.54
N LEU B 217 -17.63 -11.85 1.72
CA LEU B 217 -18.29 -13.13 1.54
C LEU B 217 -17.35 -14.17 0.93
N LEU B 218 -16.55 -13.73 -0.05
CA LEU B 218 -15.65 -14.62 -0.76
C LEU B 218 -14.47 -15.01 0.11
N ASN B 219 -14.36 -14.37 1.26
CA ASN B 219 -13.31 -14.72 2.19
C ASN B 219 -13.85 -15.35 3.47
N GLY B 220 -15.09 -15.80 3.42
CA GLY B 220 -15.67 -16.56 4.52
C GLY B 220 -16.31 -15.74 5.62
N CYS B 221 -16.31 -14.43 5.47
CA CYS B 221 -16.91 -13.54 6.45
C CYS B 221 -18.41 -13.32 6.15
N ARG B 222 -19.28 -13.83 7.02
CA ARG B 222 -20.73 -13.85 6.74
C ARG B 222 -21.65 -13.35 7.84
N TRP B 223 -21.11 -13.17 9.05
CA TRP B 223 -21.93 -12.83 10.21
C TRP B 223 -22.83 -11.62 9.99
N TRP B 224 -22.37 -10.67 9.19
CA TRP B 224 -23.06 -9.41 9.00
C TRP B 224 -24.22 -9.47 8.02
N LEU B 225 -24.29 -10.55 7.25
CA LEU B 225 -25.29 -10.66 6.18
C LEU B 225 -26.72 -10.50 6.70
N CYS B 226 -27.44 -9.55 6.11
CA CYS B 226 -28.82 -9.28 6.49
C CYS B 226 -29.75 -10.24 5.77
N SER B 227 -30.89 -10.54 6.38
CA SER B 227 -31.81 -11.49 5.77
C SER B 227 -32.85 -10.81 4.88
N THR B 228 -32.88 -9.47 4.90
CA THR B 228 -33.89 -8.72 4.16
C THR B 228 -33.29 -8.16 2.86
N ARG B 229 -34.16 -7.79 1.92
CA ARG B 229 -33.75 -7.18 0.66
C ARG B 229 -34.20 -5.74 0.59
N VAL B 230 -33.45 -4.92 -0.13
CA VAL B 230 -33.81 -3.53 -0.36
C VAL B 230 -33.48 -3.17 -1.82
N ASN B 231 -34.48 -2.72 -2.57
CA ASN B 231 -34.24 -2.42 -3.99
C ASN B 231 -33.43 -1.16 -4.19
N VAL B 232 -32.95 -0.97 -5.41
CA VAL B 232 -32.01 0.09 -5.74
C VAL B 232 -32.56 1.48 -5.47
N ASP B 233 -33.82 1.70 -5.85
CA ASP B 233 -34.45 2.99 -5.63
C ASP B 233 -34.65 3.19 -4.13
N GLY B 234 -35.03 2.12 -3.45
CA GLY B 234 -35.26 2.19 -2.02
C GLY B 234 -34.00 2.54 -1.27
N PHE B 235 -32.87 2.07 -1.77
CA PHE B 235 -31.59 2.33 -1.12
C PHE B 235 -31.10 3.72 -1.42
N ASN B 236 -31.30 4.19 -2.65
CA ASN B 236 -30.82 5.50 -3.05
C ASN B 236 -31.53 6.60 -2.30
N GLU B 237 -32.78 6.35 -1.91
CA GLU B 237 -33.55 7.29 -1.12
C GLU B 237 -33.02 7.34 0.30
N TRP B 238 -32.46 6.22 0.75
CA TRP B 238 -31.83 6.15 2.05
C TRP B 238 -30.42 6.73 2.03
N ALA B 239 -29.72 6.57 0.91
CA ALA B 239 -28.34 7.02 0.83
C ALA B 239 -28.18 8.52 0.90
N MET B 240 -29.01 9.24 0.13
CA MET B 240 -29.09 10.70 0.22
C MET B 240 -29.26 11.22 1.65
N ALA B 241 -29.80 10.42 2.56
CA ALA B 241 -30.13 10.93 3.88
C ALA B 241 -29.23 10.38 5.00
N ASN B 242 -28.21 9.59 4.65
CA ASN B 242 -27.33 8.99 5.67
C ASN B 242 -25.85 9.03 5.31
N GLY B 243 -25.52 9.82 4.29
CA GLY B 243 -24.14 10.03 3.88
C GLY B 243 -23.56 8.98 2.96
N TYR B 244 -24.38 8.43 2.08
CA TYR B 244 -23.89 7.46 1.12
C TYR B 244 -24.24 7.91 -0.29
N THR B 245 -23.43 7.48 -1.27
CA THR B 245 -23.71 7.78 -2.66
C THR B 245 -24.81 6.87 -3.20
N SER B 246 -25.26 7.15 -4.42
CA SER B 246 -26.20 6.28 -5.11
C SER B 246 -25.50 5.03 -5.62
N VAL B 247 -26.23 3.92 -5.69
CA VAL B 247 -25.67 2.68 -6.21
C VAL B 247 -25.88 2.53 -7.73
N SER B 248 -24.75 2.39 -8.42
CA SER B 248 -24.67 2.31 -9.88
C SER B 248 -24.02 0.99 -10.30
N SER B 249 -24.75 -0.02 -10.81
CA SER B 249 -26.18 0.00 -11.08
C SER B 249 -26.73 -1.44 -11.11
N VAL B 250 -26.47 -2.16 -10.01
CA VAL B 250 -26.99 -3.51 -9.69
C VAL B 250 -26.85 -4.59 -10.77
N GLU B 251 -25.89 -4.46 -11.68
CA GLU B 251 -25.68 -5.55 -12.64
C GLU B 251 -24.20 -5.67 -12.99
N CYS B 252 -23.41 -4.69 -12.59
CA CYS B 252 -21.97 -4.78 -12.75
C CYS B 252 -21.49 -5.85 -11.75
N TYR B 253 -22.33 -6.13 -10.75
CA TYR B 253 -22.01 -7.09 -9.72
C TYR B 253 -22.53 -8.48 -10.06
N SER B 254 -22.90 -8.69 -11.32
CA SER B 254 -23.49 -9.95 -11.73
C SER B 254 -22.50 -11.11 -11.58
N ILE B 255 -21.21 -10.79 -11.66
CA ILE B 255 -20.18 -11.81 -11.59
C ILE B 255 -20.07 -12.31 -10.16
N LEU B 256 -20.08 -11.38 -9.21
CA LEU B 256 -19.92 -11.75 -7.82
C LEU B 256 -21.26 -12.15 -7.22
N ALA B 257 -22.35 -11.65 -7.78
CA ALA B 257 -23.68 -12.06 -7.34
C ALA B 257 -23.82 -13.53 -7.64
N ALA B 258 -23.28 -13.94 -8.78
CA ALA B 258 -23.35 -15.32 -9.23
C ALA B 258 -22.50 -16.20 -8.35
N LYS B 259 -21.24 -15.80 -8.17
CA LYS B 259 -20.29 -16.61 -7.42
C LYS B 259 -20.54 -16.71 -5.91
N THR B 260 -21.42 -15.86 -5.38
CA THR B 260 -21.69 -15.86 -3.93
C THR B 260 -23.11 -16.32 -3.65
N GLY B 261 -24.01 -16.04 -4.59
CA GLY B 261 -25.42 -16.35 -4.44
C GLY B 261 -26.16 -15.30 -3.63
N VAL B 262 -25.48 -14.18 -3.35
CA VAL B 262 -26.08 -13.09 -2.61
C VAL B 262 -26.38 -11.93 -3.56
N SER B 263 -27.61 -11.42 -3.55
CA SER B 263 -27.97 -10.32 -4.42
C SER B 263 -27.47 -8.98 -3.90
N VAL B 264 -27.32 -8.03 -4.81
CA VAL B 264 -26.93 -6.68 -4.43
C VAL B 264 -27.92 -6.08 -3.44
N GLU B 265 -29.20 -6.42 -3.62
CA GLU B 265 -30.25 -5.92 -2.74
C GLU B 265 -30.05 -6.40 -1.31
N GLN B 266 -29.50 -7.60 -1.17
CA GLN B 266 -29.27 -8.15 0.14
C GLN B 266 -28.04 -7.52 0.76
N LEU B 267 -27.17 -6.96 -0.08
CA LEU B 267 -26.01 -6.26 0.41
C LEU B 267 -26.35 -4.82 0.71
N LEU B 268 -27.47 -4.35 0.18
CA LEU B 268 -27.90 -2.97 0.38
C LEU B 268 -28.61 -2.87 1.71
N ALA B 269 -29.36 -3.91 2.06
CA ALA B 269 -30.06 -3.91 3.33
C ALA B 269 -29.05 -4.11 4.46
N SER B 270 -27.95 -4.78 4.13
CA SER B 270 -26.90 -5.01 5.11
C SER B 270 -26.16 -3.72 5.40
N ILE B 271 -25.94 -2.93 4.35
CA ILE B 271 -25.29 -1.63 4.50
C ILE B 271 -26.08 -0.76 5.48
N GLN B 272 -27.40 -0.78 5.34
CA GLN B 272 -28.28 -0.06 6.23
C GLN B 272 -28.09 -0.49 7.67
N HIS B 273 -28.06 -1.80 7.90
CA HIS B 273 -27.93 -2.36 9.24
C HIS B 273 -26.54 -2.13 9.82
N LEU B 274 -25.53 -2.26 8.96
CA LEU B 274 -24.14 -2.10 9.36
C LEU B 274 -23.75 -0.63 9.47
N HIS B 275 -24.58 0.24 8.92
CA HIS B 275 -24.35 1.67 8.93
C HIS B 275 -24.06 2.21 10.32
N GLU B 276 -24.89 1.84 11.28
CA GLU B 276 -24.65 2.09 12.70
C GLU B 276 -23.21 1.88 13.16
N GLY B 277 -22.68 0.69 12.85
CA GLY B 277 -21.39 0.28 13.38
C GLY B 277 -21.33 -1.23 13.44
N PHE B 278 -20.15 -1.77 13.71
CA PHE B 278 -19.96 -3.20 13.72
C PHE B 278 -20.17 -3.75 15.12
N GLY B 279 -20.26 -2.83 16.08
CA GLY B 279 -20.34 -3.21 17.48
C GLY B 279 -18.99 -3.77 17.84
N GLY B 280 -18.97 -4.98 18.38
CA GLY B 280 -17.69 -5.62 18.70
C GLY B 280 -17.05 -6.26 17.48
N LYS B 281 -17.86 -6.93 16.66
CA LYS B 281 -17.36 -7.71 15.53
C LYS B 281 -16.48 -6.98 14.50
N ASN B 282 -15.94 -7.78 13.59
CA ASN B 282 -14.98 -7.38 12.56
C ASN B 282 -15.45 -7.74 11.15
N ILE B 283 -14.93 -7.06 10.12
CA ILE B 283 -15.06 -7.53 8.74
C ILE B 283 -13.74 -7.40 7.98
N LEU B 284 -13.05 -8.53 7.81
CA LEU B 284 -11.74 -8.55 7.14
C LEU B 284 -10.73 -7.58 7.73
N GLY B 285 -10.74 -7.42 9.05
CA GLY B 285 -9.80 -6.53 9.72
C GLY B 285 -10.29 -5.11 9.88
N TYR B 286 -11.35 -4.75 9.15
CA TYR B 286 -11.90 -3.41 9.20
C TYR B 286 -13.00 -3.34 10.23
N SER B 287 -12.98 -2.27 11.04
CA SER B 287 -13.92 -2.13 12.14
C SER B 287 -15.16 -1.28 11.83
N SER B 288 -15.29 -0.84 10.59
CA SER B 288 -16.49 -0.15 10.14
C SER B 288 -16.60 -0.39 8.63
N LEU B 289 -17.69 0.01 8.01
CA LEU B 289 -17.85 -0.24 6.58
C LEU B 289 -16.73 0.44 5.81
N CYS B 290 -16.25 -0.27 4.78
CA CYS B 290 -15.07 0.15 4.03
C CYS B 290 -15.40 0.45 2.57
N ASP B 291 -15.14 1.70 2.16
CA ASP B 291 -15.42 2.12 0.80
C ASP B 291 -14.13 2.37 0.07
N GLU B 292 -13.06 1.72 0.51
CA GLU B 292 -11.74 1.99 -0.05
C GLU B 292 -11.46 1.17 -1.31
N PHE B 293 -12.21 0.10 -1.51
CA PHE B 293 -11.96 -0.81 -2.63
C PHE B 293 -13.02 -0.72 -3.70
N THR B 294 -12.59 -0.51 -4.94
CA THR B 294 -13.52 -0.53 -6.06
C THR B 294 -13.89 -1.95 -6.45
N LEU B 295 -14.90 -2.10 -7.29
CA LEU B 295 -15.24 -3.41 -7.83
C LEU B 295 -14.08 -3.97 -8.64
N ALA B 296 -13.42 -3.11 -9.40
CA ALA B 296 -12.27 -3.53 -10.20
C ALA B 296 -11.14 -4.06 -9.31
N GLU B 297 -10.85 -3.36 -8.22
CA GLU B 297 -9.80 -3.80 -7.30
C GLU B 297 -10.11 -5.17 -6.72
N VAL B 298 -11.36 -5.35 -6.31
CA VAL B 298 -11.80 -6.62 -5.73
C VAL B 298 -11.67 -7.76 -6.73
N VAL B 299 -12.26 -7.60 -7.91
CA VAL B 299 -12.22 -8.64 -8.93
C VAL B 299 -10.77 -8.96 -9.32
N LYS B 300 -9.93 -7.93 -9.35
CA LYS B 300 -8.52 -8.12 -9.66
C LYS B 300 -7.81 -8.97 -8.62
N GLN B 301 -8.09 -8.72 -7.35
CA GLN B 301 -7.46 -9.48 -6.28
C GLN B 301 -8.07 -10.86 -6.12
N MET B 302 -9.32 -11.01 -6.50
CA MET B 302 -9.98 -12.31 -6.36
C MET B 302 -9.67 -13.22 -7.52
N TYR B 303 -9.76 -12.72 -8.74
CA TYR B 303 -9.74 -13.57 -9.92
C TYR B 303 -8.67 -13.21 -10.95
N GLY B 304 -7.98 -12.09 -10.72
CA GLY B 304 -6.84 -11.72 -11.52
C GLY B 304 -7.13 -11.12 -12.88
N VAL B 305 -8.36 -10.63 -13.08
CA VAL B 305 -8.69 -9.99 -14.35
C VAL B 305 -8.80 -8.49 -14.13
N ASN B 306 -8.74 -7.72 -15.22
CA ASN B 306 -8.74 -6.26 -15.12
C ASN B 306 -10.02 -5.63 -15.68
N LEU B 307 -10.45 -4.55 -15.03
CA LEU B 307 -11.67 -3.82 -15.40
C LEU B 307 -12.87 -4.76 -15.53
N ALA C 2 -6.04 26.17 5.29
CA ALA C 2 -5.28 25.21 4.54
C ALA C 2 -3.83 25.65 4.48
N VAL C 3 -2.80 24.68 4.15
CA VAL C 3 -1.44 25.17 4.07
C VAL C 3 -0.95 24.63 2.75
N LEU C 4 0.14 25.31 2.04
CA LEU C 4 0.56 24.72 0.81
C LEU C 4 1.55 23.63 1.25
N ALA D 2 -2.99 -26.68 3.26
CA ALA D 2 -2.24 -25.58 2.82
C ALA D 2 -2.26 -25.68 1.34
N VAL D 3 -2.12 -24.50 0.54
CA VAL D 3 -2.16 -24.48 -0.87
C VAL D 3 -0.93 -23.76 -1.29
N LEU D 4 -0.05 -24.33 -2.28
CA LEU D 4 1.11 -23.65 -2.68
C LEU D 4 0.68 -22.68 -3.73
#